data_8DAA
#
_entry.id   8DAA
#
_cell.length_a   49.588
_cell.length_b   53.023
_cell.length_c   68.662
_cell.angle_alpha   90.000
_cell.angle_beta   98.390
_cell.angle_gamma   90.000
#
_symmetry.space_group_name_H-M   'C 1 2 1'
#
loop_
_entity.id
_entity.type
_entity.pdbx_description
1 polymer 'Immunoglobulin G-binding protein A'
2 polymer 'Affibody LL2.FIVK'
3 non-polymer 'MALONATE ION'
4 water water
#
loop_
_entity_poly.entity_id
_entity_poly.type
_entity_poly.pdbx_seq_one_letter_code
_entity_poly.pdbx_strand_id
1 'polypeptide(L)' AVDNKFNKELQNAVYEILHLPNLNEEQRNAFFQSLKDDPSQSANLLAEAKKLNDAQAPKLEHHHHHH A,C
2 'polypeptide(L)' AVDNKFNKEFSVAGREIITLPNLNDPQ(MLY)KAFVKSLWDDPSQSANLLAEAKKLNDAQAPKLEHHHHHH B,D
#
loop_
_chem_comp.id
_chem_comp.type
_chem_comp.name
_chem_comp.formula
MLI non-polymer 'MALONATE ION' 'C3 H2 O4 -2'
#
# COMPACT_ATOMS: atom_id res chain seq x y z
N LYS A 5 30.32 -12.39 -20.85
CA LYS A 5 29.80 -13.15 -21.98
C LYS A 5 28.57 -13.95 -21.57
N PHE A 6 28.23 -13.89 -20.27
CA PHE A 6 27.06 -14.58 -19.73
C PHE A 6 26.04 -13.61 -19.14
N ASN A 7 26.13 -12.33 -19.51
CA ASN A 7 25.21 -11.34 -18.95
C ASN A 7 23.76 -11.70 -19.27
N LYS A 8 23.49 -12.19 -20.47
CA LYS A 8 22.14 -12.63 -20.81
C LYS A 8 21.80 -13.94 -20.10
N GLU A 9 22.72 -14.91 -20.12
CA GLU A 9 22.45 -16.19 -19.47
C GLU A 9 22.31 -16.04 -17.97
N LEU A 10 23.11 -15.14 -17.37
CA LEU A 10 23.01 -14.91 -15.93
C LEU A 10 21.71 -14.22 -15.57
N GLN A 11 21.38 -13.13 -16.26
CA GLN A 11 20.15 -12.40 -15.98
C GLN A 11 18.93 -13.29 -16.19
N ASN A 12 18.96 -14.16 -17.20
CA ASN A 12 17.85 -15.07 -17.44
C ASN A 12 17.74 -16.11 -16.33
N ALA A 13 18.86 -16.74 -15.96
CA ALA A 13 18.82 -17.75 -14.90
C ALA A 13 18.40 -17.12 -13.57
N VAL A 14 18.89 -15.92 -13.27
CA VAL A 14 18.51 -15.25 -12.03
C VAL A 14 17.01 -14.96 -12.04
N TYR A 15 16.48 -14.49 -13.16
CA TYR A 15 15.06 -14.11 -13.21
C TYR A 15 14.16 -15.33 -13.14
N GLU A 16 14.55 -16.43 -13.79
CA GLU A 16 13.72 -17.64 -13.76
C GLU A 16 13.75 -18.31 -12.40
N ILE A 17 14.91 -18.33 -11.74
CA ILE A 17 15.01 -18.96 -10.42
C ILE A 17 14.18 -18.19 -9.40
N LEU A 18 14.11 -16.87 -9.54
CA LEU A 18 13.24 -16.08 -8.67
C LEU A 18 11.77 -16.48 -8.83
N HIS A 19 11.39 -16.95 -10.02
CA HIS A 19 9.99 -17.28 -10.29
C HIS A 19 9.61 -18.68 -9.81
N LEU A 20 10.57 -19.59 -9.71
CA LEU A 20 10.27 -20.98 -9.37
C LEU A 20 9.51 -21.06 -8.05
N PRO A 21 8.29 -21.57 -8.04
CA PRO A 21 7.45 -21.48 -6.83
C PRO A 21 7.81 -22.50 -5.76
N ASN A 22 8.36 -23.65 -6.16
CA ASN A 22 8.54 -24.78 -5.26
C ASN A 22 9.87 -24.75 -4.52
N LEU A 23 10.70 -23.76 -4.74
CA LEU A 23 11.97 -23.64 -4.03
C LEU A 23 11.77 -22.87 -2.74
N ASN A 24 12.54 -23.23 -1.73
CA ASN A 24 12.61 -22.43 -0.51
C ASN A 24 13.70 -21.37 -0.66
N GLU A 25 13.65 -20.37 0.22
CA GLU A 25 14.55 -19.24 0.09
C GLU A 25 16.01 -19.66 0.26
N GLU A 26 16.27 -20.67 1.11
CA GLU A 26 17.63 -21.13 1.31
C GLU A 26 18.17 -21.79 0.05
N GLN A 27 17.37 -22.66 -0.57
CA GLN A 27 17.76 -23.23 -1.86
C GLN A 27 17.97 -22.12 -2.89
N ARG A 28 17.07 -21.14 -2.92
CA ARG A 28 17.19 -20.03 -3.85
C ARG A 28 18.44 -19.22 -3.56
N ASN A 29 18.80 -19.05 -2.28
CA ASN A 29 20.04 -18.36 -1.94
C ASN A 29 21.26 -19.14 -2.42
N ALA A 30 21.23 -20.47 -2.29
CA ALA A 30 22.37 -21.27 -2.69
C ALA A 30 22.66 -21.14 -4.18
N PHE A 31 21.61 -21.13 -5.01
CA PHE A 31 21.82 -20.96 -6.44
C PHE A 31 22.36 -19.59 -6.76
N PHE A 32 21.85 -18.55 -6.10
CA PHE A 32 22.34 -17.19 -6.34
C PHE A 32 23.79 -17.05 -5.95
N GLN A 33 24.21 -17.72 -4.88
CA GLN A 33 25.60 -17.63 -4.45
C GLN A 33 26.52 -18.36 -5.41
N SER A 34 26.07 -19.47 -5.99
CA SER A 34 26.87 -20.16 -6.99
C SER A 34 26.94 -19.38 -8.30
N LEU A 35 25.83 -18.72 -8.67
CA LEU A 35 25.83 -17.89 -9.88
C LEU A 35 26.79 -16.71 -9.73
N LYS A 36 26.84 -16.11 -8.54
CA LYS A 36 27.77 -15.01 -8.32
C LYS A 36 29.22 -15.47 -8.29
N ASP A 37 29.46 -16.74 -7.94
CA ASP A 37 30.82 -17.24 -7.90
C ASP A 37 31.29 -17.72 -9.27
N ASP A 38 30.38 -18.21 -10.11
CA ASP A 38 30.73 -18.71 -11.43
C ASP A 38 29.54 -18.54 -12.36
N PRO A 39 29.41 -17.38 -13.00
CA PRO A 39 28.27 -17.17 -13.91
C PRO A 39 28.32 -18.05 -15.16
N SER A 40 29.43 -18.74 -15.42
CA SER A 40 29.49 -19.63 -16.58
C SER A 40 28.58 -20.85 -16.41
N GLN A 41 28.23 -21.19 -15.18
CA GLN A 41 27.32 -22.30 -14.90
C GLN A 41 25.86 -21.85 -14.85
N SER A 42 25.52 -20.75 -15.52
CA SER A 42 24.15 -20.24 -15.46
C SER A 42 23.14 -21.24 -16.03
N ALA A 43 23.47 -21.85 -17.16
CA ALA A 43 22.56 -22.83 -17.76
C ALA A 43 22.46 -24.08 -16.89
N ASN A 44 23.59 -24.54 -16.34
CA ASN A 44 23.57 -25.73 -15.50
C ASN A 44 22.81 -25.47 -14.20
N LEU A 45 23.04 -24.32 -13.57
CA LEU A 45 22.37 -24.03 -12.31
C LEU A 45 20.87 -23.80 -12.52
N LEU A 46 20.50 -23.19 -13.65
CA LEU A 46 19.08 -23.03 -13.96
C LEU A 46 18.41 -24.39 -14.18
N ALA A 47 19.08 -25.28 -14.91
CA ALA A 47 18.53 -26.62 -15.11
C ALA A 47 18.41 -27.37 -13.80
N GLU A 48 19.40 -27.20 -12.91
CA GLU A 48 19.33 -27.84 -11.60
C GLU A 48 18.20 -27.26 -10.76
N ALA A 49 17.99 -25.94 -10.84
CA ALA A 49 16.94 -25.31 -10.05
C ALA A 49 15.56 -25.72 -10.54
N LYS A 50 15.39 -25.88 -11.86
CA LYS A 50 14.11 -26.32 -12.39
C LYS A 50 13.82 -27.78 -12.04
N LYS A 51 14.83 -28.65 -12.15
CA LYS A 51 14.68 -30.03 -11.74
C LYS A 51 14.29 -30.10 -10.26
N LEU A 52 15.00 -29.36 -9.42
CA LEU A 52 14.65 -29.30 -8.00
C LEU A 52 13.24 -28.74 -7.80
N ASN A 53 12.86 -27.75 -8.62
CA ASN A 53 11.53 -27.18 -8.53
C ASN A 53 10.47 -28.20 -8.91
N ASP A 54 10.74 -29.02 -9.92
CA ASP A 54 9.77 -30.04 -10.34
C ASP A 54 9.59 -31.10 -9.27
N ALA A 55 10.68 -31.46 -8.57
CA ALA A 55 10.60 -32.50 -7.55
C ALA A 55 9.89 -32.03 -6.28
N GLN A 56 9.68 -30.73 -6.11
CA GLN A 56 9.06 -30.18 -4.91
C GLN A 56 7.69 -29.59 -5.18
N ALA A 57 7.02 -30.05 -6.24
CA ALA A 57 5.69 -29.55 -6.59
C ALA A 57 4.64 -30.04 -5.60
N ALA B 1 37.11 -7.69 5.92
CA ALA B 1 36.17 -7.69 4.82
C ALA B 1 34.76 -8.04 5.30
N VAL B 2 33.93 -7.02 5.49
CA VAL B 2 32.56 -7.21 5.94
C VAL B 2 31.72 -7.72 4.78
N ASP B 3 30.99 -8.81 5.01
CA ASP B 3 30.07 -9.37 4.03
C ASP B 3 28.65 -9.03 4.49
N ASN B 4 28.00 -8.13 3.76
CA ASN B 4 26.68 -7.63 4.14
C ASN B 4 25.56 -8.63 3.85
N LYS B 5 25.89 -9.85 3.44
CA LYS B 5 24.90 -10.84 3.01
C LYS B 5 23.99 -10.26 1.94
N PHE B 6 24.58 -9.44 1.07
CA PHE B 6 23.83 -8.71 0.06
C PHE B 6 23.15 -9.63 -0.95
N ASN B 7 23.67 -10.85 -1.11
CA ASN B 7 23.04 -11.81 -2.02
C ASN B 7 21.72 -12.31 -1.44
N LYS B 8 21.67 -12.56 -0.13
CA LYS B 8 20.41 -12.97 0.49
C LYS B 8 19.42 -11.81 0.49
N GLU B 9 19.91 -10.59 0.70
CA GLU B 9 19.04 -9.42 0.56
C GLU B 9 18.52 -9.29 -0.86
N PHE B 10 19.31 -9.75 -1.85
CA PHE B 10 18.84 -9.74 -3.23
C PHE B 10 17.65 -10.68 -3.41
N SER B 11 17.74 -11.89 -2.84
CA SER B 11 16.68 -12.87 -3.02
C SER B 11 15.38 -12.41 -2.36
N VAL B 12 15.47 -11.82 -1.17
CA VAL B 12 14.28 -11.31 -0.50
C VAL B 12 13.66 -10.17 -1.31
N ALA B 13 14.49 -9.22 -1.74
CA ALA B 13 13.97 -8.09 -2.51
C ALA B 13 13.51 -8.52 -3.90
N GLY B 14 14.25 -9.43 -4.54
CA GLY B 14 13.86 -9.91 -5.85
C GLY B 14 12.54 -10.65 -5.83
N ARG B 15 12.29 -11.43 -4.77
CA ARG B 15 11.02 -12.12 -4.63
C ARG B 15 9.87 -11.13 -4.49
N GLU B 16 10.10 -10.03 -3.76
CA GLU B 16 9.04 -9.05 -3.58
C GLU B 16 8.71 -8.33 -4.88
N ILE B 17 9.73 -8.06 -5.70
CA ILE B 17 9.51 -7.36 -6.97
C ILE B 17 8.77 -8.27 -7.95
N ILE B 18 9.11 -9.56 -7.97
CA ILE B 18 8.46 -10.49 -8.88
C ILE B 18 6.98 -10.65 -8.55
N THR B 19 6.58 -10.38 -7.31
CA THR B 19 5.19 -10.49 -6.90
C THR B 19 4.41 -9.19 -7.02
N LEU B 20 5.00 -8.16 -7.63
CA LEU B 20 4.30 -6.89 -7.83
C LEU B 20 3.49 -6.99 -9.12
N PRO B 21 2.16 -7.06 -9.05
CA PRO B 21 1.38 -7.49 -10.23
C PRO B 21 1.26 -6.45 -11.33
N ASN B 22 1.58 -5.18 -11.06
CA ASN B 22 1.32 -4.12 -12.03
C ASN B 22 2.54 -3.68 -12.82
N LEU B 23 3.73 -4.16 -12.47
CA LEU B 23 4.91 -3.93 -13.29
C LEU B 23 4.86 -4.83 -14.51
N ASN B 24 5.52 -4.41 -15.59
CA ASN B 24 5.59 -5.25 -16.77
C ASN B 24 6.89 -6.05 -16.77
N ASP B 25 7.06 -6.87 -17.81
CA ASP B 25 8.22 -7.78 -17.85
C ASP B 25 9.55 -7.06 -17.89
N PRO B 26 9.80 -6.10 -18.80
CA PRO B 26 11.10 -5.41 -18.75
C PRO B 26 11.29 -4.56 -17.50
N GLN B 27 10.22 -4.07 -16.89
CA GLN B 27 10.34 -3.28 -15.66
C GLN B 27 10.89 -4.12 -14.51
N MLY B 28 10.31 -5.31 -14.34
CA MLY B 28 10.74 -6.28 -13.33
CB MLY B 28 9.80 -7.49 -13.33
CG MLY B 28 8.42 -7.23 -12.76
CD MLY B 28 7.54 -8.45 -12.96
CE MLY B 28 6.13 -8.29 -12.37
NZ MLY B 28 5.21 -9.31 -12.96
CH1 MLY B 28 4.96 -8.86 -14.35
CH2 MLY B 28 3.91 -9.27 -12.28
C MLY B 28 12.18 -6.72 -13.56
O MLY B 28 12.97 -6.78 -12.63
N LYS B 29 12.51 -6.99 -14.83
CA LYS B 29 13.85 -7.44 -15.18
C LYS B 29 14.88 -6.35 -14.96
N ALA B 30 14.48 -5.10 -15.20
CA ALA B 30 15.39 -3.98 -14.97
C ALA B 30 15.71 -3.83 -13.48
N PHE B 31 14.68 -3.95 -12.62
CA PHE B 31 14.91 -3.87 -11.19
C PHE B 31 15.77 -5.02 -10.71
N VAL B 32 15.55 -6.22 -11.24
CA VAL B 32 16.33 -7.40 -10.83
C VAL B 32 17.79 -7.23 -11.20
N LYS B 33 18.07 -6.73 -12.40
CA LYS B 33 19.45 -6.49 -12.80
C LYS B 33 20.11 -5.46 -11.90
N SER B 34 19.38 -4.40 -11.55
CA SER B 34 19.93 -3.39 -10.65
C SER B 34 20.17 -3.96 -9.26
N LEU B 35 19.26 -4.80 -8.77
CA LEU B 35 19.47 -5.48 -7.51
C LEU B 35 20.71 -6.35 -7.54
N TRP B 36 20.90 -7.08 -8.65
CA TRP B 36 22.03 -7.99 -8.75
C TRP B 36 23.35 -7.23 -8.80
N ASP B 37 23.36 -6.07 -9.46
CA ASP B 37 24.60 -5.31 -9.60
C ASP B 37 24.96 -4.56 -8.32
N ASP B 38 23.97 -4.00 -7.63
CA ASP B 38 24.20 -3.25 -6.40
C ASP B 38 23.18 -3.70 -5.36
N PRO B 39 23.41 -4.84 -4.71
CA PRO B 39 22.45 -5.33 -3.72
C PRO B 39 22.41 -4.49 -2.45
N SER B 40 23.33 -3.56 -2.27
CA SER B 40 23.25 -2.64 -1.13
C SER B 40 22.04 -1.73 -1.25
N GLN B 41 21.61 -1.45 -2.48
CA GLN B 41 20.43 -0.63 -2.73
C GLN B 41 19.15 -1.46 -2.86
N SER B 42 19.13 -2.65 -2.24
CA SER B 42 17.97 -3.54 -2.40
C SER B 42 16.70 -2.92 -1.83
N ALA B 43 16.82 -2.22 -0.70
CA ALA B 43 15.65 -1.64 -0.06
C ALA B 43 15.18 -0.39 -0.79
N ASN B 44 16.11 0.46 -1.24
CA ASN B 44 15.72 1.62 -2.04
C ASN B 44 15.07 1.19 -3.36
N LEU B 45 15.62 0.15 -3.99
CA LEU B 45 15.09 -0.28 -5.28
C LEU B 45 13.71 -0.92 -5.15
N LEU B 46 13.51 -1.72 -4.10
CA LEU B 46 12.19 -2.29 -3.86
C LEU B 46 11.16 -1.20 -3.59
N ALA B 47 11.57 -0.16 -2.85
CA ALA B 47 10.67 0.96 -2.58
C ALA B 47 10.29 1.68 -3.86
N GLU B 48 11.22 1.78 -4.81
CA GLU B 48 10.91 2.41 -6.08
C GLU B 48 10.00 1.52 -6.93
N ALA B 49 10.22 0.21 -6.91
CA ALA B 49 9.38 -0.70 -7.66
C ALA B 49 7.97 -0.74 -7.11
N LYS B 50 7.81 -0.68 -5.79
CA LYS B 50 6.48 -0.65 -5.20
C LYS B 50 5.76 0.65 -5.56
N LYS B 51 6.48 1.77 -5.52
CA LYS B 51 5.90 3.04 -5.96
C LYS B 51 5.40 2.96 -7.39
N LEU B 52 6.22 2.39 -8.27
CA LEU B 52 5.85 2.26 -9.68
C LEU B 52 4.71 1.26 -9.85
N ASN B 53 4.71 0.18 -9.08
CA ASN B 53 3.63 -0.79 -9.15
C ASN B 53 2.30 -0.15 -8.74
N ASP B 54 2.31 0.62 -7.65
CA ASP B 54 1.08 1.25 -7.17
C ASP B 54 0.60 2.31 -8.15
N ALA B 55 1.51 2.99 -8.85
CA ALA B 55 1.11 4.01 -9.79
C ALA B 55 0.52 3.42 -11.06
N GLN B 56 0.81 2.15 -11.36
CA GLN B 56 0.34 1.50 -12.57
C GLN B 56 -0.83 0.56 -12.31
N ALA B 57 -1.50 0.71 -11.17
CA ALA B 57 -2.63 -0.14 -10.86
C ALA B 57 -3.77 0.12 -11.85
N PRO B 58 -4.54 -0.92 -12.21
CA PRO B 58 -5.65 -0.80 -13.15
C PRO B 58 -6.71 0.22 -12.71
N ALA C 1 -41.92 22.21 4.76
CA ALA C 1 -41.65 23.61 5.03
C ALA C 1 -40.18 23.95 4.72
N VAL C 2 -39.61 24.82 5.56
CA VAL C 2 -38.19 25.14 5.43
C VAL C 2 -37.39 23.87 5.64
N ASP C 3 -36.59 23.51 4.64
CA ASP C 3 -35.82 22.26 4.66
C ASP C 3 -34.35 22.62 4.89
N ASN C 4 -33.91 22.50 6.14
CA ASN C 4 -32.53 22.78 6.51
C ASN C 4 -31.74 21.49 6.39
N LYS C 5 -30.92 21.38 5.35
CA LYS C 5 -30.09 20.20 5.14
C LYS C 5 -28.74 20.30 5.82
N PHE C 6 -28.24 21.52 6.04
CA PHE C 6 -26.95 21.75 6.68
C PHE C 6 -25.83 21.00 5.94
N ASN C 7 -25.95 20.93 4.61
CA ASN C 7 -24.98 20.16 3.83
C ASN C 7 -23.57 20.69 4.00
N LYS C 8 -23.39 22.01 4.01
CA LYS C 8 -22.06 22.58 4.16
C LYS C 8 -21.56 22.43 5.59
N GLU C 9 -22.38 22.82 6.56
CA GLU C 9 -21.95 22.78 7.96
C GLU C 9 -21.66 21.36 8.41
N LEU C 10 -22.46 20.40 7.95
CA LEU C 10 -22.22 19.00 8.31
C LEU C 10 -20.95 18.48 7.68
N GLN C 11 -20.77 18.74 6.38
CA GLN C 11 -19.58 18.26 5.68
C GLN C 11 -18.32 18.87 6.27
N ASN C 12 -18.37 20.16 6.64
CA ASN C 12 -17.22 20.80 7.26
C ASN C 12 -16.90 20.15 8.60
N ALA C 13 -17.92 19.90 9.42
CA ALA C 13 -17.69 19.27 10.72
C ALA C 13 -17.18 17.85 10.56
N VAL C 14 -17.82 17.07 9.69
CA VAL C 14 -17.39 15.69 9.45
C VAL C 14 -15.94 15.66 8.99
N TYR C 15 -15.59 16.52 8.03
CA TYR C 15 -14.24 16.50 7.48
C TYR C 15 -13.20 16.95 8.51
N GLU C 16 -13.54 17.94 9.34
CA GLU C 16 -12.59 18.43 10.33
C GLU C 16 -12.40 17.42 11.46
N ILE C 17 -13.47 16.75 11.88
CA ILE C 17 -13.36 15.78 12.97
C ILE C 17 -12.51 14.59 12.54
N LEU C 18 -12.54 14.23 11.25
CA LEU C 18 -11.65 13.19 10.75
C LEU C 18 -10.20 13.60 10.83
N HIS C 19 -9.91 14.90 10.72
CA HIS C 19 -8.52 15.37 10.74
C HIS C 19 -7.96 15.51 12.14
N LEU C 20 -8.81 15.68 13.14
CA LEU C 20 -8.36 15.87 14.52
C LEU C 20 -7.50 14.69 14.95
N PRO C 21 -6.21 14.92 15.24
CA PRO C 21 -5.28 13.79 15.44
C PRO C 21 -5.33 13.17 16.83
N ASN C 22 -5.82 13.89 17.84
CA ASN C 22 -5.73 13.45 19.23
C ASN C 22 -7.01 12.79 19.73
N LEU C 23 -8.00 12.57 18.87
CA LEU C 23 -9.20 11.88 19.28
C LEU C 23 -9.05 10.38 19.06
N ASN C 24 -9.79 9.60 19.86
CA ASN C 24 -9.85 8.17 19.64
C ASN C 24 -11.03 7.85 18.74
N GLU C 25 -11.03 6.62 18.20
CA GLU C 25 -12.05 6.23 17.24
C GLU C 25 -13.43 6.23 17.88
N GLU C 26 -13.53 5.86 19.15
CA GLU C 26 -14.81 5.85 19.83
C GLU C 26 -15.38 7.26 19.94
N GLN C 27 -14.52 8.25 20.22
CA GLN C 27 -14.98 9.64 20.27
C GLN C 27 -15.45 10.11 18.91
N ARG C 28 -14.73 9.75 17.84
CA ARG C 28 -15.15 10.13 16.50
C ARG C 28 -16.50 9.51 16.16
N ASN C 29 -16.71 8.24 16.54
CA ASN C 29 -17.98 7.59 16.27
C ASN C 29 -19.12 8.28 17.01
N ALA C 30 -18.87 8.76 18.21
CA ALA C 30 -19.93 9.44 18.97
C ALA C 30 -20.33 10.73 18.30
N PHE C 31 -19.36 11.53 17.86
CA PHE C 31 -19.68 12.76 17.15
C PHE C 31 -20.36 12.48 15.82
N PHE C 32 -19.91 11.45 15.11
CA PHE C 32 -20.52 11.10 13.82
C PHE C 32 -21.97 10.63 14.02
N GLN C 33 -22.23 9.88 15.08
CA GLN C 33 -23.60 9.43 15.34
C GLN C 33 -24.49 10.60 15.75
N SER C 34 -23.94 11.58 16.48
CA SER C 34 -24.72 12.75 16.83
C SER C 34 -24.97 13.63 15.60
N LEU C 35 -24.03 13.65 14.66
CA LEU C 35 -24.22 14.42 13.44
C LEU C 35 -25.29 13.80 12.55
N LYS C 36 -25.32 12.47 12.48
CA LYS C 36 -26.37 11.80 11.73
C LYS C 36 -27.74 12.06 12.33
N ASP C 37 -27.82 12.16 13.66
CA ASP C 37 -29.11 12.38 14.30
C ASP C 37 -29.59 13.81 14.12
N ASP C 38 -28.75 14.78 14.47
CA ASP C 38 -29.14 16.19 14.46
C ASP C 38 -28.04 17.00 13.78
N PRO C 39 -28.06 17.09 12.45
CA PRO C 39 -27.07 17.91 11.75
C PRO C 39 -27.20 19.41 12.04
N SER C 40 -28.28 19.84 12.68
CA SER C 40 -28.43 21.25 13.01
C SER C 40 -27.40 21.72 14.03
N GLN C 41 -26.78 20.80 14.77
CA GLN C 41 -25.77 21.10 15.76
C GLN C 41 -24.36 20.78 15.26
N SER C 42 -24.13 20.86 13.94
CA SER C 42 -22.83 20.49 13.39
C SER C 42 -21.73 21.41 13.91
N ALA C 43 -21.99 22.72 13.96
CA ALA C 43 -20.99 23.65 14.49
C ALA C 43 -20.74 23.40 15.97
N ASN C 44 -21.80 23.13 16.74
CA ASN C 44 -21.65 22.81 18.14
C ASN C 44 -20.79 21.56 18.33
N LEU C 45 -21.16 20.46 17.66
CA LEU C 45 -20.40 19.23 17.81
C LEU C 45 -18.98 19.40 17.32
N LEU C 46 -18.76 20.22 16.29
CA LEU C 46 -17.41 20.48 15.84
C LEU C 46 -16.60 21.19 16.90
N ALA C 47 -17.21 22.16 17.59
CA ALA C 47 -16.49 22.89 18.64
C ALA C 47 -16.13 21.98 19.80
N GLU C 48 -17.05 21.07 20.17
CA GLU C 48 -16.76 20.15 21.26
C GLU C 48 -15.66 19.17 20.87
N ALA C 49 -15.66 18.70 19.62
CA ALA C 49 -14.63 17.78 19.17
C ALA C 49 -13.25 18.43 19.19
N LYS C 50 -13.16 19.68 18.75
CA LYS C 50 -11.89 20.39 18.79
C LYS C 50 -11.42 20.59 20.22
N LYS C 51 -12.35 20.82 21.15
CA LYS C 51 -11.99 21.02 22.55
C LYS C 51 -11.37 19.76 23.14
N LEU C 52 -11.95 18.60 22.84
CA LEU C 52 -11.36 17.35 23.31
C LEU C 52 -10.00 17.11 22.67
N ASN C 53 -9.87 17.40 21.37
CA ASN C 53 -8.60 17.21 20.68
C ASN C 53 -7.51 18.08 21.30
N ASP C 54 -7.85 19.33 21.63
CA ASP C 54 -6.87 20.22 22.24
C ASP C 54 -6.57 19.83 23.68
N ALA C 55 -7.54 19.25 24.38
CA ALA C 55 -7.30 18.78 25.74
C ALA C 55 -6.53 17.47 25.76
N GLN C 56 -6.59 16.69 24.69
CA GLN C 56 -5.89 15.41 24.59
C GLN C 56 -4.60 15.53 23.78
N ALA C 57 -4.00 16.72 23.71
CA ALA C 57 -2.80 16.92 22.93
C ALA C 57 -1.57 16.53 23.75
N PRO C 58 -0.75 15.58 23.28
CA PRO C 58 0.48 15.17 23.99
C PRO C 58 1.70 15.98 23.55
N ALA D 1 -34.16 -3.62 9.67
CA ALA D 1 -33.78 -3.94 11.04
C ALA D 1 -32.27 -3.93 11.21
N VAL D 2 -31.55 -4.43 10.21
CA VAL D 2 -30.11 -4.60 10.33
C VAL D 2 -29.45 -3.23 10.48
N ASP D 3 -28.69 -3.05 11.57
CA ASP D 3 -28.08 -1.76 11.84
C ASP D 3 -26.88 -1.49 10.94
N ASN D 4 -26.18 -2.55 10.50
CA ASN D 4 -25.07 -2.46 9.55
C ASN D 4 -23.87 -1.68 10.09
N LYS D 5 -24.07 -0.88 11.14
CA LYS D 5 -23.00 -0.15 11.82
C LYS D 5 -22.08 0.60 10.87
N PHE D 6 -22.64 1.13 9.79
CA PHE D 6 -21.83 1.76 8.74
C PHE D 6 -21.32 3.14 9.13
N ASN D 7 -21.62 3.62 10.33
CA ASN D 7 -21.09 4.89 10.80
C ASN D 7 -19.72 4.74 11.45
N LYS D 8 -19.34 3.53 11.83
CA LYS D 8 -17.98 3.22 12.29
C LYS D 8 -17.09 2.77 11.17
N GLU D 9 -17.62 2.01 10.21
CA GLU D 9 -16.88 1.78 8.97
C GLU D 9 -16.60 3.10 8.26
N PHE D 10 -17.48 4.09 8.46
CA PHE D 10 -17.20 5.43 7.96
C PHE D 10 -15.94 6.00 8.60
N SER D 11 -15.78 5.80 9.91
CA SER D 11 -14.66 6.39 10.62
C SER D 11 -13.33 5.78 10.18
N VAL D 12 -13.26 4.44 10.16
CA VAL D 12 -12.04 3.78 9.71
C VAL D 12 -11.73 4.12 8.26
N ALA D 13 -12.74 4.07 7.39
CA ALA D 13 -12.51 4.37 5.98
C ALA D 13 -12.19 5.84 5.79
N GLY D 14 -12.89 6.73 6.50
CA GLY D 14 -12.62 8.15 6.38
C GLY D 14 -11.23 8.52 6.85
N ARG D 15 -10.74 7.85 7.91
CA ARG D 15 -9.39 8.11 8.40
C ARG D 15 -8.34 7.71 7.37
N GLU D 16 -8.50 6.53 6.76
CA GLU D 16 -7.51 6.07 5.79
C GLU D 16 -7.47 6.98 4.56
N ILE D 17 -8.62 7.54 4.18
CA ILE D 17 -8.68 8.38 2.99
C ILE D 17 -7.99 9.72 3.25
N ILE D 18 -8.37 10.41 4.33
CA ILE D 18 -7.80 11.72 4.62
C ILE D 18 -6.33 11.67 4.97
N THR D 19 -5.79 10.48 5.30
CA THR D 19 -4.36 10.33 5.57
C THR D 19 -3.56 9.95 4.33
N LEU D 20 -4.18 9.98 3.14
CA LEU D 20 -3.46 9.75 1.89
C LEU D 20 -2.79 11.04 1.47
N PRO D 21 -1.45 11.12 1.48
CA PRO D 21 -0.79 12.43 1.35
C PRO D 21 -0.90 13.05 -0.03
N ASN D 22 -1.23 12.29 -1.08
CA ASN D 22 -1.15 12.79 -2.44
C ASN D 22 -2.50 13.16 -3.03
N LEU D 23 -3.58 13.04 -2.27
CA LEU D 23 -4.88 13.55 -2.69
C LEU D 23 -4.97 15.01 -2.30
N ASN D 24 -5.61 15.82 -3.16
CA ASN D 24 -5.77 17.23 -2.83
C ASN D 24 -7.00 17.42 -1.95
N ASP D 25 -7.22 18.67 -1.54
CA ASP D 25 -8.31 18.96 -0.61
C ASP D 25 -9.69 18.64 -1.19
N PRO D 26 -10.05 19.09 -2.40
CA PRO D 26 -11.39 18.75 -2.91
C PRO D 26 -11.58 17.26 -3.19
N GLN D 27 -10.53 16.54 -3.57
CA GLN D 27 -10.62 15.11 -3.82
C GLN D 27 -11.03 14.37 -2.56
N MLY D 28 -10.38 14.72 -1.44
CA MLY D 28 -10.64 14.09 -0.16
CB MLY D 28 -9.63 14.57 0.88
CG MLY D 28 -8.21 14.06 0.68
CD MLY D 28 -7.32 14.60 1.78
CE MLY D 28 -5.85 14.31 1.54
NZ MLY D 28 -5.01 15.27 2.30
CH1 MLY D 28 -5.37 16.60 1.78
CH2 MLY D 28 -3.61 15.05 1.92
C MLY D 28 -12.06 14.38 0.34
O MLY D 28 -12.75 13.48 0.83
N LYS D 29 -12.48 15.64 0.21
CA LYS D 29 -13.81 16.03 0.64
C LYS D 29 -14.89 15.36 -0.21
N ALA D 30 -14.60 15.19 -1.50
CA ALA D 30 -15.53 14.47 -2.36
C ALA D 30 -15.66 13.01 -1.92
N PHE D 31 -14.55 12.36 -1.59
CA PHE D 31 -14.60 10.99 -1.09
C PHE D 31 -15.35 10.92 0.24
N VAL D 32 -15.09 11.89 1.13
CA VAL D 32 -15.73 11.87 2.44
C VAL D 32 -17.24 12.03 2.31
N LYS D 33 -17.67 12.93 1.42
CA LYS D 33 -19.11 13.14 1.22
C LYS D 33 -19.78 11.88 0.68
N SER D 34 -19.15 11.21 -0.28
CA SER D 34 -19.70 9.96 -0.79
C SER D 34 -19.72 8.89 0.29
N LEU D 35 -18.68 8.85 1.12
CA LEU D 35 -18.63 7.87 2.21
C LEU D 35 -19.72 8.16 3.24
N TRP D 36 -20.04 9.43 3.46
CA TRP D 36 -21.07 9.78 4.42
C TRP D 36 -22.46 9.41 3.90
N ASP D 37 -22.70 9.59 2.60
CA ASP D 37 -24.02 9.35 2.05
C ASP D 37 -24.29 7.87 1.86
N ASP D 38 -23.30 7.10 1.40
CA ASP D 38 -23.44 5.66 1.20
C ASP D 38 -22.22 4.98 1.82
N PRO D 39 -22.21 4.82 3.15
CA PRO D 39 -21.06 4.17 3.80
C PRO D 39 -20.92 2.69 3.50
N SER D 40 -21.90 2.08 2.82
CA SER D 40 -21.73 0.70 2.39
C SER D 40 -20.68 0.56 1.30
N GLN D 41 -20.32 1.65 0.64
CA GLN D 41 -19.28 1.66 -0.38
C GLN D 41 -17.91 2.01 0.16
N SER D 42 -17.69 1.80 1.47
CA SER D 42 -16.44 2.22 2.10
C SER D 42 -15.23 1.58 1.44
N ALA D 43 -15.30 0.27 1.21
CA ALA D 43 -14.15 -0.44 0.64
C ALA D 43 -13.89 0.00 -0.79
N ASN D 44 -14.94 0.20 -1.59
CA ASN D 44 -14.75 0.64 -2.97
C ASN D 44 -14.24 2.07 -3.03
N LEU D 45 -14.79 2.95 -2.19
CA LEU D 45 -14.31 4.33 -2.15
C LEU D 45 -12.87 4.41 -1.67
N LEU D 46 -12.50 3.60 -0.68
CA LEU D 46 -11.14 3.59 -0.19
C LEU D 46 -10.17 3.08 -1.25
N ALA D 47 -10.53 2.00 -1.93
CA ALA D 47 -9.67 1.46 -2.98
C ALA D 47 -9.50 2.47 -4.11
N GLU D 48 -10.56 3.19 -4.46
CA GLU D 48 -10.47 4.19 -5.52
C GLU D 48 -9.57 5.35 -5.08
N ALA D 49 -9.70 5.79 -3.84
CA ALA D 49 -8.87 6.89 -3.36
C ALA D 49 -7.41 6.49 -3.27
N LYS D 50 -7.14 5.24 -2.90
CA LYS D 50 -5.76 4.76 -2.82
C LYS D 50 -5.11 4.73 -4.20
N LYS D 51 -5.83 4.22 -5.20
CA LYS D 51 -5.28 4.20 -6.56
C LYS D 51 -5.03 5.61 -7.07
N LEU D 52 -5.95 6.54 -6.79
CA LEU D 52 -5.75 7.92 -7.18
C LEU D 52 -4.56 8.53 -6.46
N ASN D 53 -4.41 8.24 -5.16
CA ASN D 53 -3.28 8.74 -4.39
C ASN D 53 -1.96 8.24 -4.99
N ASP D 54 -1.88 6.94 -5.28
CA ASP D 54 -0.64 6.38 -5.82
C ASP D 54 -0.34 6.91 -7.21
N ALA D 55 -1.36 7.19 -8.02
CA ALA D 55 -1.13 7.73 -9.35
C ALA D 55 -0.66 9.18 -9.30
N GLN D 56 -0.97 9.89 -8.23
CA GLN D 56 -0.58 11.28 -8.06
C GLN D 56 0.63 11.45 -7.15
N ALA D 57 1.34 10.36 -6.86
CA ALA D 57 2.51 10.42 -5.99
C ALA D 57 3.70 11.03 -6.73
N PRO D 58 4.61 11.70 -6.01
CA PRO D 58 5.82 12.28 -6.61
C PRO D 58 6.69 11.25 -7.33
C1 MLI E . 19.07 -30.00 -2.42
C2 MLI E . 19.77 -28.70 -2.82
C3 MLI E . 17.85 -29.83 -1.49
O6 MLI E . 19.07 -27.68 -2.89
O7 MLI E . 21.00 -28.76 -3.04
O8 MLI E . 17.84 -28.86 -0.70
O9 MLI E . 16.94 -30.68 -1.60
#